data_5U8F
#
_entry.id   5U8F
#
_cell.length_a   57.645
_cell.length_b   85.108
_cell.length_c   91.514
_cell.angle_alpha   90.00
_cell.angle_beta   90.00
_cell.angle_gamma   90.00
#
_symmetry.space_group_name_H-M   'P 21 21 21'
#
loop_
_entity.id
_entity.type
_entity.pdbx_description
1 polymer 'Polycomb protein EED'
2 non-polymer (3R,4S)-1-[(1S)-7-fluoro-2,3-dihydro-1H-inden-1-yl]-N,N-dimethyl-4-(1-methyl-1H-indol-3-yl)pyrrolidin-3-amine
3 water water
#
_entity_poly.entity_id   1
_entity_poly.type   'polypeptide(L)'
_entity_poly.pdbx_seq_one_letter_code
;GSHMKCKYSFKCVNSLKEDHNQPLFGVQFNWHSKEGDPLVFATVGSNRVTLYECHSQGEIRLLQSYVDADADENFYTCAW
TYDSNTSHPLLAVAGSRGIIRIINPITMQCIKHYVGHGNAINELKFHPRDPNLLLSVSKDHALRLWNIQTDTLVAIFGGV
EGHRDEVLSADYDLLGEKIMSCGMDHSLKLWRINSKRMMNAIKESYDYNPNKTNRPFISQKIHFPDFSTRDIHRNYVDCV
RWLGDLILSKSCENAIVCWKPGKMEDDIDKIKPSESNVTILGRFDYSQCDIWYMRFSMDFWQKMLALGNQVGKLYVWDLE
VEDPHKAKCTTLTHHKCGAAIRQTSFSRDSSILIAVCDDASIWRWDRLR
;
_entity_poly.pdbx_strand_id   A
#
# COMPACT_ATOMS: atom_id res chain seq x y z
N PHE A 10 14.27 -8.38 17.62
CA PHE A 10 14.32 -9.09 16.30
C PHE A 10 15.71 -9.63 15.99
N LYS A 11 15.75 -10.86 15.47
CA LYS A 11 16.98 -11.52 15.05
C LYS A 11 16.81 -12.03 13.61
N CYS A 12 17.84 -11.87 12.79
CA CYS A 12 17.79 -12.34 11.41
C CYS A 12 18.00 -13.85 11.39
N VAL A 13 16.98 -14.56 10.90
CA VAL A 13 16.97 -16.03 10.96
C VAL A 13 17.17 -16.70 9.59
N ASN A 14 16.94 -15.98 8.50
CA ASN A 14 17.11 -16.54 7.16
C ASN A 14 17.11 -15.46 6.08
N SER A 15 17.60 -15.82 4.91
CA SER A 15 17.49 -15.00 3.72
C SER A 15 17.42 -15.90 2.49
N LEU A 16 16.90 -15.36 1.40
CA LEU A 16 17.02 -16.03 0.09
C LEU A 16 17.04 -14.99 -1.02
N LYS A 17 17.21 -15.44 -2.25
CA LYS A 17 17.24 -14.56 -3.40
C LYS A 17 16.46 -15.20 -4.53
N GLU A 18 15.58 -14.42 -5.16
CA GLU A 18 14.83 -14.89 -6.32
C GLU A 18 15.70 -14.86 -7.57
N ASP A 19 15.42 -15.77 -8.49
CA ASP A 19 16.30 -16.06 -9.63
C ASP A 19 16.32 -14.99 -10.73
N HIS A 20 15.38 -14.05 -10.68
CA HIS A 20 15.27 -13.03 -11.71
C HIS A 20 16.27 -11.88 -11.56
N ASN A 21 16.81 -11.72 -10.34
CA ASN A 21 17.82 -10.70 -10.01
C ASN A 21 17.36 -9.25 -10.26
N GLN A 22 16.05 -9.04 -10.31
CA GLN A 22 15.44 -7.71 -10.45
C GLN A 22 14.93 -7.24 -9.08
N PRO A 23 14.67 -5.92 -8.94
CA PRO A 23 14.18 -5.48 -7.63
C PRO A 23 12.86 -6.13 -7.22
N LEU A 24 12.78 -6.47 -5.94
CA LEU A 24 11.50 -6.79 -5.33
C LEU A 24 10.90 -5.50 -4.82
N PHE A 25 9.81 -5.08 -5.47
CA PHE A 25 9.19 -3.80 -5.16
C PHE A 25 8.15 -3.87 -4.06
N GLY A 26 7.65 -5.07 -3.76
CA GLY A 26 6.60 -5.22 -2.78
C GLY A 26 6.67 -6.53 -2.03
N VAL A 27 6.21 -6.49 -0.78
CA VAL A 27 6.05 -7.68 0.06
C VAL A 27 4.84 -7.46 0.96
N GLN A 28 4.00 -8.49 1.09
CA GLN A 28 2.84 -8.43 1.96
C GLN A 28 2.57 -9.77 2.61
N PHE A 29 2.56 -9.81 3.94
CA PHE A 29 1.95 -10.96 4.63
C PHE A 29 0.45 -10.99 4.37
N ASN A 30 -0.09 -12.20 4.32
CA ASN A 30 -1.53 -12.39 4.26
C ASN A 30 -2.10 -12.29 5.67
N TRP A 31 -2.69 -11.15 6.01
CA TRP A 31 -3.28 -10.97 7.35
C TRP A 31 -4.65 -11.65 7.47
N HIS A 32 -5.11 -12.26 6.37
CA HIS A 32 -6.35 -13.03 6.35
C HIS A 32 -6.07 -14.54 6.36
N SER A 33 -4.84 -14.95 6.68
CA SER A 33 -4.50 -16.39 6.76
C SER A 33 -5.25 -17.03 7.93
N LYS A 34 -5.66 -18.28 7.72
CA LYS A 34 -6.61 -18.93 8.63
C LYS A 34 -5.93 -19.51 9.88
N GLU A 35 -6.70 -19.67 10.96
CA GLU A 35 -6.17 -20.25 12.21
C GLU A 35 -5.66 -21.66 11.97
N GLY A 36 -4.46 -21.92 12.50
CA GLY A 36 -3.80 -23.21 12.34
C GLY A 36 -2.95 -23.34 11.08
N ASP A 37 -3.10 -22.41 10.15
CA ASP A 37 -2.28 -22.40 8.94
C ASP A 37 -1.01 -21.58 9.14
N PRO A 38 0.10 -21.96 8.48
CA PRO A 38 1.32 -21.18 8.59
C PRO A 38 1.16 -19.76 8.03
N LEU A 39 2.01 -18.87 8.50
CA LEU A 39 2.07 -17.51 7.99
C LEU A 39 2.62 -17.53 6.58
N VAL A 40 1.99 -16.75 5.70
CA VAL A 40 2.34 -16.71 4.28
C VAL A 40 2.53 -15.26 3.85
N PHE A 41 3.54 -15.01 3.03
CA PHE A 41 3.71 -13.70 2.41
C PHE A 41 3.90 -13.81 0.91
N ALA A 42 3.55 -12.73 0.22
CA ALA A 42 3.78 -12.58 -1.22
C ALA A 42 4.89 -11.58 -1.47
N THR A 43 5.68 -11.83 -2.51
CA THR A 43 6.64 -10.85 -3.03
C THR A 43 6.27 -10.54 -4.48
N VAL A 44 6.56 -9.32 -4.93
CA VAL A 44 6.37 -8.92 -6.33
C VAL A 44 7.63 -8.26 -6.87
N GLY A 45 8.02 -8.69 -8.07
CA GLY A 45 9.18 -8.11 -8.74
C GLY A 45 9.31 -8.79 -10.07
N SER A 46 10.14 -8.22 -10.96
CA SER A 46 10.17 -8.69 -12.34
C SER A 46 8.70 -8.80 -12.83
N ASN A 47 8.37 -9.85 -13.61
CA ASN A 47 6.99 -10.09 -14.05
C ASN A 47 6.31 -11.18 -13.23
N ARG A 48 6.61 -11.24 -11.93
CA ARG A 48 6.07 -12.32 -11.12
C ARG A 48 5.60 -11.92 -9.74
N VAL A 49 4.78 -12.80 -9.19
CA VAL A 49 4.40 -12.78 -7.78
C VAL A 49 4.69 -14.17 -7.22
N THR A 50 5.27 -14.23 -6.02
CA THR A 50 5.67 -15.50 -5.42
C THR A 50 5.14 -15.58 -4.00
N LEU A 51 4.65 -16.76 -3.61
CA LEU A 51 4.24 -16.99 -2.22
C LEU A 51 5.23 -17.89 -1.47
N TYR A 52 5.42 -17.54 -0.20
CA TYR A 52 6.29 -18.26 0.71
C TYR A 52 5.57 -18.51 2.03
N GLU A 53 5.88 -19.64 2.68
CA GLU A 53 5.39 -19.93 4.02
C GLU A 53 6.50 -19.86 5.04
N CYS A 54 6.22 -19.23 6.17
CA CYS A 54 7.19 -19.16 7.27
C CYS A 54 7.04 -20.36 8.19
N HIS A 55 8.16 -21.04 8.43
CA HIS A 55 8.20 -22.20 9.30
C HIS A 55 9.26 -22.05 10.37
N SER A 56 9.29 -23.01 11.30
CA SER A 56 10.24 -22.99 12.41
C SER A 56 11.70 -23.07 11.93
N GLN A 57 12.62 -22.71 12.83
CA GLN A 57 14.08 -22.69 12.53
C GLN A 57 14.40 -21.77 11.34
N GLY A 58 13.60 -20.72 11.19
CA GLY A 58 13.81 -19.73 10.15
C GLY A 58 13.43 -20.15 8.74
N GLU A 59 12.87 -21.34 8.57
CA GLU A 59 12.58 -21.83 7.21
C GLU A 59 11.60 -20.93 6.46
N ILE A 60 11.99 -20.56 5.23
CA ILE A 60 11.12 -19.84 4.29
C ILE A 60 10.82 -20.83 3.16
N ARG A 61 9.63 -21.42 3.19
CA ARG A 61 9.25 -22.47 2.24
C ARG A 61 8.63 -21.91 0.98
N LEU A 62 9.27 -22.16 -0.16
CA LEU A 62 8.77 -21.69 -1.45
C LEU A 62 7.55 -22.48 -1.90
N LEU A 63 6.50 -21.77 -2.31
CA LEU A 63 5.27 -22.42 -2.77
C LEU A 63 5.20 -22.36 -4.29
N GLN A 64 4.63 -21.29 -4.84
CA GLN A 64 4.35 -21.22 -6.27
C GLN A 64 4.24 -19.76 -6.67
N SER A 65 4.64 -19.47 -7.91
CA SER A 65 4.54 -18.14 -8.51
C SER A 65 3.44 -18.05 -9.56
N TYR A 66 2.99 -16.83 -9.80
CA TYR A 66 2.29 -16.46 -11.03
C TYR A 66 3.31 -15.65 -11.83
N VAL A 67 3.52 -16.03 -13.09
CA VAL A 67 4.41 -15.31 -14.00
C VAL A 67 3.56 -14.78 -15.14
N ASP A 68 3.66 -13.47 -15.37
CA ASP A 68 2.89 -12.83 -16.43
C ASP A 68 3.29 -13.33 -17.80
N ALA A 69 2.30 -13.49 -18.68
CA ALA A 69 2.53 -13.86 -20.08
C ALA A 69 3.43 -12.88 -20.84
N ASP A 70 3.38 -11.62 -20.43
CA ASP A 70 4.21 -10.57 -21.01
C ASP A 70 5.51 -10.49 -20.23
N ALA A 71 6.63 -10.79 -20.90
CA ALA A 71 7.97 -10.71 -20.31
C ALA A 71 8.36 -9.27 -19.90
N ASP A 72 7.68 -8.28 -20.48
CA ASP A 72 7.93 -6.86 -20.19
C ASP A 72 7.03 -6.26 -19.11
N GLU A 73 6.08 -7.03 -18.60
CA GLU A 73 5.35 -6.64 -17.39
C GLU A 73 6.35 -6.49 -16.22
N ASN A 74 6.10 -5.52 -15.35
CA ASN A 74 6.85 -5.38 -14.12
C ASN A 74 5.86 -5.11 -13.03
N PHE A 75 5.63 -6.08 -12.15
CA PHE A 75 4.71 -5.87 -11.04
C PHE A 75 5.35 -4.98 -9.98
N TYR A 76 4.58 -3.99 -9.54
CA TYR A 76 5.05 -2.99 -8.59
C TYR A 76 4.44 -3.12 -7.20
N THR A 77 3.30 -3.80 -7.12
CA THR A 77 2.47 -3.76 -5.92
C THR A 77 1.60 -5.02 -5.81
N CYS A 78 1.30 -5.40 -4.57
CA CYS A 78 0.31 -6.42 -4.33
C CYS A 78 -0.45 -6.13 -3.05
N ALA A 79 -1.64 -6.72 -2.93
CA ALA A 79 -2.49 -6.53 -1.75
C ALA A 79 -3.40 -7.72 -1.59
N TRP A 80 -3.59 -8.14 -0.34
CA TRP A 80 -4.45 -9.29 -0.04
C TRP A 80 -5.86 -8.89 0.31
N THR A 81 -6.81 -9.74 -0.08
CA THR A 81 -8.17 -9.64 0.40
C THR A 81 -8.71 -11.06 0.56
N TYR A 82 -10.02 -11.19 0.65
CA TYR A 82 -10.65 -12.50 0.58
C TYR A 82 -11.93 -12.40 -0.23
N ASP A 83 -12.37 -13.54 -0.74
CA ASP A 83 -13.65 -13.62 -1.41
C ASP A 83 -14.76 -13.45 -0.37
N SER A 84 -15.64 -12.47 -0.59
CA SER A 84 -16.66 -12.12 0.40
C SER A 84 -17.74 -13.21 0.59
N ASN A 85 -17.88 -14.12 -0.38
CA ASN A 85 -18.83 -15.22 -0.26
C ASN A 85 -18.21 -16.50 0.29
N THR A 86 -16.98 -16.81 -0.13
CA THR A 86 -16.37 -18.10 0.22
C THR A 86 -15.36 -18.05 1.37
N SER A 87 -14.83 -16.85 1.65
CA SER A 87 -13.77 -16.58 2.67
C SER A 87 -12.36 -16.90 2.23
N HIS A 88 -12.21 -17.47 1.04
CA HIS A 88 -10.88 -17.82 0.58
C HIS A 88 -10.06 -16.58 0.27
N PRO A 89 -8.79 -16.53 0.75
CA PRO A 89 -7.94 -15.40 0.38
C PRO A 89 -7.79 -15.18 -1.13
N LEU A 90 -7.59 -13.92 -1.51
CA LEU A 90 -7.32 -13.49 -2.88
C LEU A 90 -6.13 -12.54 -2.83
N LEU A 91 -5.38 -12.49 -3.93
CA LEU A 91 -4.21 -11.61 -4.02
C LEU A 91 -4.32 -10.75 -5.27
N ALA A 92 -4.32 -9.43 -5.10
CA ALA A 92 -4.32 -8.52 -6.24
C ALA A 92 -2.91 -8.04 -6.52
N VAL A 93 -2.54 -8.00 -7.80
CA VAL A 93 -1.22 -7.53 -8.22
C VAL A 93 -1.36 -6.57 -9.40
N ALA A 94 -0.43 -5.63 -9.53
CA ALA A 94 -0.43 -4.70 -10.65
C ALA A 94 0.94 -4.07 -10.81
N GLY A 95 1.17 -3.47 -11.98
CA GLY A 95 2.41 -2.76 -12.20
C GLY A 95 2.42 -1.99 -13.49
N SER A 96 3.54 -2.12 -14.22
CA SER A 96 3.81 -1.25 -15.37
CA SER A 96 3.84 -1.29 -15.39
C SER A 96 2.78 -1.33 -16.51
N ARG A 97 2.20 -2.51 -16.73
CA ARG A 97 1.18 -2.66 -17.78
C ARG A 97 -0.16 -1.98 -17.47
N GLY A 98 -0.38 -1.62 -16.21
CA GLY A 98 -1.64 -1.00 -15.80
C GLY A 98 -2.82 -1.96 -15.78
N ILE A 99 -2.51 -3.23 -15.56
CA ILE A 99 -3.53 -4.28 -15.46
C ILE A 99 -3.56 -4.81 -14.03
N ILE A 100 -4.74 -4.75 -13.41
CA ILE A 100 -4.92 -5.36 -12.08
C ILE A 100 -5.29 -6.83 -12.30
N ARG A 101 -4.54 -7.73 -11.68
CA ARG A 101 -4.86 -9.17 -11.74
C ARG A 101 -5.29 -9.64 -10.38
N ILE A 102 -6.41 -10.35 -10.33
CA ILE A 102 -6.89 -10.99 -9.11
C ILE A 102 -6.47 -12.45 -9.21
N ILE A 103 -5.58 -12.86 -8.30
CA ILE A 103 -4.94 -14.17 -8.33
C ILE A 103 -5.51 -15.04 -7.21
N ASN A 104 -5.83 -16.30 -7.55
CA ASN A 104 -6.18 -17.31 -6.57
C ASN A 104 -4.84 -17.78 -5.98
N PRO A 105 -4.55 -17.48 -4.69
CA PRO A 105 -3.21 -17.81 -4.18
C PRO A 105 -2.95 -19.31 -4.01
N ILE A 106 -4.02 -20.11 -3.95
CA ILE A 106 -3.89 -21.56 -3.83
C ILE A 106 -3.22 -22.13 -5.09
N THR A 107 -3.80 -21.81 -6.24
CA THR A 107 -3.38 -22.38 -7.52
C THR A 107 -2.54 -21.41 -8.36
N MET A 108 -2.45 -20.16 -7.92
CA MET A 108 -1.85 -19.04 -8.66
C MET A 108 -2.50 -18.75 -10.02
N GLN A 109 -3.75 -19.20 -10.19
CA GLN A 109 -4.54 -18.84 -11.37
C GLN A 109 -4.96 -17.38 -11.34
N CYS A 110 -4.92 -16.71 -12.49
CA CYS A 110 -5.53 -15.40 -12.61
C CYS A 110 -7.04 -15.60 -12.80
N ILE A 111 -7.82 -15.15 -11.83
CA ILE A 111 -9.28 -15.31 -11.83
C ILE A 111 -9.90 -14.31 -12.80
N LYS A 112 -9.45 -13.07 -12.71
CA LYS A 112 -9.95 -11.99 -13.55
C LYS A 112 -9.00 -10.81 -13.49
N HIS A 113 -9.20 -9.86 -14.39
CA HIS A 113 -8.33 -8.70 -14.48
C HIS A 113 -9.11 -7.44 -14.83
N TYR A 114 -8.54 -6.30 -14.47
CA TYR A 114 -9.16 -4.99 -14.71
C TYR A 114 -8.18 -4.08 -15.38
N VAL A 115 -8.68 -3.29 -16.33
CA VAL A 115 -7.87 -2.25 -16.95
C VAL A 115 -8.65 -0.94 -16.82
N GLY A 116 -7.93 0.11 -16.41
CA GLY A 116 -8.47 1.47 -16.40
C GLY A 116 -8.20 2.07 -17.75
N HIS A 117 -7.21 2.97 -17.80
CA HIS A 117 -6.69 3.46 -19.08
C HIS A 117 -5.39 2.77 -19.53
N GLY A 118 -4.91 1.81 -18.72
CA GLY A 118 -3.76 0.98 -19.10
C GLY A 118 -2.40 1.57 -18.80
N ASN A 119 -2.36 2.52 -17.88
CA ASN A 119 -1.13 3.20 -17.46
C ASN A 119 -0.64 2.62 -16.14
N ALA A 120 0.67 2.72 -15.86
CA ALA A 120 1.26 1.98 -14.72
C ALA A 120 0.54 2.21 -13.40
N ILE A 121 0.38 1.13 -12.64
CA ILE A 121 -0.21 1.18 -11.31
C ILE A 121 0.91 1.03 -10.29
N ASN A 122 1.02 2.02 -9.41
CA ASN A 122 2.11 2.06 -8.43
C ASN A 122 1.78 1.46 -7.06
N GLU A 123 0.50 1.44 -6.70
CA GLU A 123 0.06 0.86 -5.44
C GLU A 123 -1.38 0.40 -5.52
N LEU A 124 -1.66 -0.69 -4.80
CA LEU A 124 -3.00 -1.21 -4.57
C LEU A 124 -3.28 -1.26 -3.08
N LYS A 125 -4.50 -0.88 -2.69
CA LYS A 125 -4.94 -1.01 -1.29
C LYS A 125 -6.38 -1.47 -1.19
N PHE A 126 -6.65 -2.42 -0.30
CA PHE A 126 -8.04 -2.81 -0.04
C PHE A 126 -8.63 -2.02 1.11
N HIS A 127 -9.92 -1.75 0.99
CA HIS A 127 -10.71 -1.03 2.00
C HIS A 127 -10.66 -1.84 3.32
N PRO A 128 -10.52 -1.15 4.47
CA PRO A 128 -10.35 -1.87 5.75
C PRO A 128 -11.60 -2.60 6.24
N ARG A 129 -12.77 -2.25 5.71
CA ARG A 129 -14.03 -2.86 6.15
C ARG A 129 -14.74 -3.66 5.06
N ASP A 130 -14.45 -3.37 3.81
CA ASP A 130 -15.12 -4.02 2.70
C ASP A 130 -14.07 -4.68 1.80
N PRO A 131 -14.02 -6.03 1.81
CA PRO A 131 -12.96 -6.73 1.08
C PRO A 131 -13.08 -6.62 -0.45
N ASN A 132 -14.21 -6.11 -0.93
CA ASN A 132 -14.41 -5.94 -2.37
C ASN A 132 -13.93 -4.61 -2.94
N LEU A 133 -13.57 -3.66 -2.07
CA LEU A 133 -13.25 -2.32 -2.55
C LEU A 133 -11.75 -2.12 -2.66
N LEU A 134 -11.30 -2.03 -3.91
CA LEU A 134 -9.88 -1.99 -4.23
C LEU A 134 -9.53 -0.62 -4.80
N LEU A 135 -8.54 0.01 -4.17
CA LEU A 135 -8.03 1.29 -4.63
C LEU A 135 -6.72 1.10 -5.39
N SER A 136 -6.62 1.70 -6.56
CA SER A 136 -5.38 1.71 -7.35
C SER A 136 -4.91 3.15 -7.54
N VAL A 137 -3.59 3.35 -7.53
CA VAL A 137 -3.03 4.66 -7.80
C VAL A 137 -2.11 4.57 -9.00
N SER A 138 -2.15 5.58 -9.85
CA SER A 138 -1.58 5.45 -11.19
C SER A 138 -0.60 6.52 -11.63
N LYS A 139 0.30 6.11 -12.51
CA LYS A 139 1.16 6.97 -13.30
C LYS A 139 0.37 8.04 -14.09
N ASP A 140 -0.90 7.76 -14.40
CA ASP A 140 -1.72 8.73 -15.15
C ASP A 140 -2.36 9.84 -14.28
N HIS A 141 -1.91 9.93 -13.03
CA HIS A 141 -2.23 11.01 -12.09
C HIS A 141 -3.53 10.78 -11.31
N ALA A 142 -4.22 9.66 -11.57
CA ALA A 142 -5.52 9.38 -10.95
C ALA A 142 -5.47 8.23 -9.95
N LEU A 143 -6.45 8.22 -9.05
CA LEU A 143 -6.78 7.04 -8.26
C LEU A 143 -8.07 6.46 -8.81
N ARG A 144 -8.22 5.15 -8.67
CA ARG A 144 -9.45 4.47 -9.12
CA ARG A 144 -9.44 4.48 -9.10
C ARG A 144 -9.92 3.54 -8.01
N LEU A 145 -11.23 3.56 -7.75
CA LEU A 145 -11.84 2.66 -6.78
C LEU A 145 -12.70 1.64 -7.53
N TRP A 146 -12.38 0.37 -7.33
CA TRP A 146 -13.04 -0.76 -7.99
C TRP A 146 -13.84 -1.57 -7.00
N ASN A 147 -14.95 -2.12 -7.46
CA ASN A 147 -15.71 -3.10 -6.71
C ASN A 147 -15.44 -4.45 -7.40
N ILE A 148 -14.67 -5.32 -6.74
CA ILE A 148 -14.23 -6.59 -7.35
C ILE A 148 -15.24 -7.72 -7.13
N GLN A 149 -16.40 -7.39 -6.57
CA GLN A 149 -17.54 -8.33 -6.54
C GLN A 149 -18.37 -8.21 -7.81
N THR A 150 -18.69 -6.97 -8.19
CA THR A 150 -19.50 -6.73 -9.39
C THR A 150 -18.68 -6.29 -10.60
N ASP A 151 -17.36 -6.23 -10.46
CA ASP A 151 -16.41 -5.89 -11.55
C ASP A 151 -16.68 -4.51 -12.12
N THR A 152 -16.88 -3.55 -11.22
CA THR A 152 -17.25 -2.18 -11.58
C THR A 152 -16.21 -1.16 -11.14
N LEU A 153 -16.03 -0.14 -11.97
CA LEU A 153 -15.22 1.01 -11.61
C LEU A 153 -16.16 2.00 -10.91
N VAL A 154 -16.00 2.15 -9.60
CA VAL A 154 -16.90 2.98 -8.80
C VAL A 154 -16.61 4.48 -9.00
N ALA A 155 -15.33 4.85 -9.00
CA ALA A 155 -14.96 6.25 -9.04
C ALA A 155 -13.54 6.43 -9.53
N ILE A 156 -13.30 7.56 -10.18
CA ILE A 156 -11.97 8.03 -10.57
C ILE A 156 -11.73 9.35 -9.84
N PHE A 157 -10.58 9.44 -9.17
CA PHE A 157 -10.19 10.62 -8.39
C PHE A 157 -9.07 11.32 -9.15
N GLY A 158 -9.39 12.47 -9.74
CA GLY A 158 -8.45 13.15 -10.62
C GLY A 158 -8.82 14.59 -10.88
N GLY A 159 -8.77 15.00 -12.14
CA GLY A 159 -9.05 16.39 -12.53
C GLY A 159 -7.86 17.31 -12.32
N VAL A 160 -8.01 18.54 -12.75
CA VAL A 160 -6.86 19.46 -12.61
C VAL A 160 -6.56 19.84 -11.15
N GLU A 161 -7.55 19.72 -10.28
CA GLU A 161 -7.33 19.92 -8.85
C GLU A 161 -6.90 18.64 -8.14
N GLY A 162 -6.90 17.53 -8.86
CA GLY A 162 -6.29 16.27 -8.38
C GLY A 162 -4.79 16.31 -8.58
N HIS A 163 -4.15 15.14 -8.49
CA HIS A 163 -2.70 15.08 -8.71
C HIS A 163 -2.29 15.52 -10.11
N ARG A 164 -1.11 16.15 -10.19
CA ARG A 164 -0.59 16.69 -11.45
C ARG A 164 0.64 15.94 -11.95
N ASP A 165 0.94 14.81 -11.30
CA ASP A 165 2.02 13.92 -11.70
C ASP A 165 1.67 12.54 -11.13
N GLU A 166 2.53 11.54 -11.33
CA GLU A 166 2.25 10.18 -10.90
C GLU A 166 1.82 10.14 -9.44
N VAL A 167 0.77 9.37 -9.17
CA VAL A 167 0.38 9.06 -7.79
C VAL A 167 1.21 7.86 -7.35
N LEU A 168 1.88 7.98 -6.20
CA LEU A 168 2.82 6.95 -5.72
C LEU A 168 2.29 6.08 -4.60
N SER A 169 1.37 6.60 -3.79
CA SER A 169 0.86 5.87 -2.63
C SER A 169 -0.50 6.41 -2.25
N ALA A 170 -1.29 5.58 -1.55
CA ALA A 170 -2.52 6.05 -0.91
C ALA A 170 -2.87 5.12 0.23
N ASP A 171 -3.74 5.60 1.11
CA ASP A 171 -4.16 4.82 2.27
C ASP A 171 -5.56 5.23 2.68
N TYR A 172 -6.35 4.24 3.05
CA TYR A 172 -7.63 4.47 3.69
C TYR A 172 -7.44 4.70 5.18
N ASP A 173 -8.30 5.55 5.76
CA ASP A 173 -8.32 5.69 7.22
C ASP A 173 -8.93 4.45 7.88
N LEU A 174 -9.04 4.49 9.22
CA LEU A 174 -9.49 3.37 10.03
C LEU A 174 -10.75 2.70 9.48
N LEU A 175 -11.78 3.49 9.24
CA LEU A 175 -13.07 2.94 8.82
C LEU A 175 -13.30 2.98 7.33
N GLY A 176 -12.31 3.43 6.57
CA GLY A 176 -12.47 3.55 5.12
C GLY A 176 -13.47 4.62 4.75
N GLU A 177 -13.52 5.70 5.52
CA GLU A 177 -14.35 6.87 5.22
C GLU A 177 -13.63 7.88 4.34
N LYS A 178 -12.30 7.81 4.31
CA LYS A 178 -11.50 8.76 3.53
C LYS A 178 -10.16 8.16 3.13
N ILE A 179 -9.56 8.75 2.10
CA ILE A 179 -8.31 8.31 1.50
C ILE A 179 -7.35 9.49 1.54
N MET A 180 -6.09 9.24 1.91
CA MET A 180 -5.03 10.21 1.66
C MET A 180 -4.13 9.64 0.58
N SER A 181 -3.85 10.44 -0.45
CA SER A 181 -2.97 10.02 -1.55
C SER A 181 -1.77 10.95 -1.61
N CYS A 182 -0.73 10.53 -2.32
CA CYS A 182 0.46 11.35 -2.47
C CYS A 182 1.24 10.98 -3.71
N GLY A 183 2.09 11.89 -4.18
CA GLY A 183 2.94 11.51 -5.29
C GLY A 183 4.01 12.47 -5.73
N MET A 184 4.32 12.39 -7.02
CA MET A 184 5.44 13.12 -7.62
C MET A 184 5.25 14.62 -7.67
N ASP A 185 4.02 15.08 -7.54
CA ASP A 185 3.75 16.53 -7.51
C ASP A 185 4.04 17.16 -6.12
N HIS A 186 4.58 16.36 -5.20
CA HIS A 186 4.94 16.78 -3.84
C HIS A 186 3.75 16.93 -2.91
N SER A 187 2.55 16.60 -3.39
CA SER A 187 1.34 16.86 -2.62
C SER A 187 0.77 15.63 -1.92
N LEU A 188 0.05 15.91 -0.84
CA LEU A 188 -0.80 14.96 -0.17
C LEU A 188 -2.22 15.49 -0.27
N LYS A 189 -3.13 14.62 -0.72
CA LYS A 189 -4.53 14.98 -1.00
C LYS A 189 -5.50 14.06 -0.30
N LEU A 190 -6.53 14.65 0.31
CA LEU A 190 -7.56 13.93 1.03
C LEU A 190 -8.78 13.79 0.13
N TRP A 191 -9.36 12.59 0.09
CA TRP A 191 -10.57 12.32 -0.67
C TRP A 191 -11.56 11.60 0.22
N ARG A 192 -12.67 12.26 0.55
CA ARG A 192 -13.70 11.62 1.38
C ARG A 192 -14.55 10.67 0.54
N ILE A 193 -14.73 9.45 1.06
CA ILE A 193 -15.59 8.48 0.36
C ILE A 193 -16.83 8.11 1.17
N ASN A 194 -17.11 8.88 2.22
CA ASN A 194 -18.35 8.77 3.00
C ASN A 194 -19.32 9.94 2.71
N SER A 195 -19.07 10.67 1.62
CA SER A 195 -20.02 11.66 1.12
C SER A 195 -21.30 10.94 0.68
N LYS A 196 -22.41 11.66 0.62
CA LYS A 196 -23.65 11.07 0.12
C LYS A 196 -23.45 10.52 -1.29
N ARG A 197 -22.71 11.26 -2.11
CA ARG A 197 -22.43 10.87 -3.50
C ARG A 197 -21.66 9.54 -3.57
N MET A 198 -20.60 9.43 -2.78
CA MET A 198 -19.76 8.24 -2.81
C MET A 198 -20.42 7.03 -2.15
N MET A 199 -21.15 7.24 -1.07
CA MET A 199 -21.89 6.13 -0.45
C MET A 199 -22.94 5.58 -1.41
N ASN A 200 -23.62 6.48 -2.10
CA ASN A 200 -24.60 6.08 -3.10
C ASN A 200 -23.93 5.35 -4.27
N ALA A 201 -22.78 5.84 -4.71
CA ALA A 201 -22.04 5.20 -5.81
C ALA A 201 -21.62 3.77 -5.45
N ILE A 202 -21.15 3.58 -4.22
CA ILE A 202 -20.77 2.25 -3.75
C ILE A 202 -22.02 1.33 -3.69
N LYS A 203 -23.13 1.84 -3.16
CA LYS A 203 -24.38 1.08 -3.12
C LYS A 203 -24.80 0.67 -4.55
N GLU A 204 -24.76 1.62 -5.47
CA GLU A 204 -25.11 1.32 -6.85
C GLU A 204 -24.18 0.30 -7.49
N SER A 205 -22.89 0.35 -7.16
CA SER A 205 -21.96 -0.64 -7.69
C SER A 205 -22.33 -2.06 -7.27
N TYR A 206 -22.86 -2.22 -6.05
CA TYR A 206 -23.32 -3.54 -5.60
C TYR A 206 -24.61 -4.00 -6.27
N ASP A 207 -25.43 -3.04 -6.70
CA ASP A 207 -26.69 -3.34 -7.40
C ASP A 207 -26.52 -3.61 -8.89
N TYR A 208 -25.31 -3.45 -9.42
CA TYR A 208 -25.07 -3.58 -10.85
C TYR A 208 -24.78 -5.01 -11.29
N ASN A 209 -25.60 -5.50 -12.21
CA ASN A 209 -25.36 -6.78 -12.87
C ASN A 209 -25.58 -6.54 -14.36
N PRO A 210 -24.50 -6.60 -15.18
CA PRO A 210 -24.63 -6.25 -16.61
C PRO A 210 -25.54 -7.21 -17.38
N ASN A 211 -25.76 -8.41 -16.82
CA ASN A 211 -26.66 -9.41 -17.44
C ASN A 211 -28.13 -9.11 -17.21
N LYS A 212 -28.42 -8.20 -16.28
CA LYS A 212 -29.79 -7.89 -15.89
C LYS A 212 -30.22 -6.46 -16.26
N THR A 213 -29.38 -5.76 -17.02
CA THR A 213 -29.67 -4.38 -17.39
C THR A 213 -29.07 -4.04 -18.75
N ASN A 214 -29.42 -2.86 -19.26
CA ASN A 214 -28.87 -2.37 -20.52
C ASN A 214 -27.81 -1.30 -20.34
N ARG A 215 -27.81 -0.65 -19.19
CA ARG A 215 -26.91 0.47 -18.93
C ARG A 215 -25.50 -0.01 -18.68
N PRO A 216 -24.51 0.80 -19.09
CA PRO A 216 -23.17 0.60 -18.53
C PRO A 216 -23.18 1.11 -17.09
N PHE A 217 -22.22 0.68 -16.28
CA PHE A 217 -22.10 1.25 -14.95
C PHE A 217 -21.41 2.62 -15.04
N ILE A 218 -22.03 3.66 -14.46
CA ILE A 218 -21.45 5.01 -14.49
C ILE A 218 -20.49 5.18 -13.31
N SER A 219 -19.24 5.50 -13.62
CA SER A 219 -18.22 5.80 -12.61
C SER A 219 -18.32 7.27 -12.19
N GLN A 220 -18.11 7.55 -10.91
CA GLN A 220 -18.05 8.94 -10.46
C GLN A 220 -16.75 9.57 -10.92
N LYS A 221 -16.80 10.84 -11.31
CA LYS A 221 -15.56 11.57 -11.56
C LYS A 221 -15.43 12.54 -10.39
N ILE A 222 -14.45 12.29 -9.54
CA ILE A 222 -14.21 13.11 -8.34
C ILE A 222 -13.01 13.99 -8.64
N HIS A 223 -13.29 15.28 -8.82
CA HIS A 223 -12.29 16.21 -9.33
C HIS A 223 -11.75 17.20 -8.34
N PHE A 224 -12.21 17.09 -7.09
CA PHE A 224 -11.83 18.04 -6.04
C PHE A 224 -11.52 17.32 -4.75
N PRO A 225 -10.23 17.33 -4.35
CA PRO A 225 -9.91 16.77 -3.04
C PRO A 225 -10.50 17.62 -1.92
N ASP A 226 -10.71 16.98 -0.79
CA ASP A 226 -11.25 17.65 0.40
C ASP A 226 -10.21 18.38 1.23
N PHE A 227 -8.95 18.21 0.86
CA PHE A 227 -7.81 18.90 1.46
C PHE A 227 -6.61 18.62 0.56
N SER A 228 -5.69 19.58 0.47
CA SER A 228 -4.44 19.35 -0.25
C SER A 228 -3.34 20.16 0.38
N THR A 229 -2.15 19.58 0.47
CA THR A 229 -0.97 20.30 0.94
C THR A 229 0.28 19.91 0.16
N ARG A 230 1.16 20.89 -0.05
CA ARG A 230 2.51 20.64 -0.55
C ARG A 230 3.52 21.14 0.48
N ASP A 231 3.07 21.33 1.72
CA ASP A 231 3.88 21.96 2.78
C ASP A 231 4.64 20.98 3.69
N ILE A 232 4.50 19.69 3.47
CA ILE A 232 5.12 18.68 4.34
C ILE A 232 6.51 18.29 3.86
N HIS A 233 6.63 18.00 2.57
CA HIS A 233 7.87 17.52 1.97
C HIS A 233 8.26 18.42 0.81
N ARG A 234 9.51 18.32 0.36
CA ARG A 234 10.00 19.13 -0.76
C ARG A 234 10.47 18.29 -1.95
N ASN A 235 9.94 17.08 -2.05
CA ASN A 235 10.27 16.17 -3.16
C ASN A 235 9.14 15.14 -3.29
N TYR A 236 9.35 14.14 -4.14
CA TYR A 236 8.32 13.12 -4.41
C TYR A 236 7.87 12.47 -3.11
N VAL A 237 6.56 12.40 -2.88
CA VAL A 237 6.03 11.79 -1.66
C VAL A 237 5.64 10.37 -2.03
N ASP A 238 6.37 9.41 -1.48
CA ASP A 238 6.30 8.04 -2.00
C ASP A 238 5.63 7.02 -1.08
N CYS A 239 5.16 7.45 0.09
CA CYS A 239 4.49 6.55 1.03
C CYS A 239 3.67 7.36 2.02
N VAL A 240 2.43 6.94 2.23
CA VAL A 240 1.51 7.59 3.18
C VAL A 240 0.70 6.55 3.94
N ARG A 241 0.49 6.79 5.23
CA ARG A 241 -0.34 5.92 6.07
C ARG A 241 -1.05 6.78 7.10
N TRP A 242 -2.34 6.51 7.34
CA TRP A 242 -3.04 7.11 8.47
C TRP A 242 -2.57 6.49 9.77
N LEU A 243 -2.51 7.32 10.81
CA LEU A 243 -2.31 6.87 12.18
C LEU A 243 -3.42 7.52 13.00
N GLY A 244 -4.58 6.85 13.06
CA GLY A 244 -5.79 7.46 13.57
C GLY A 244 -6.18 8.64 12.69
N ASP A 245 -6.30 9.82 13.29
CA ASP A 245 -6.64 11.04 12.55
C ASP A 245 -5.39 11.76 12.03
N LEU A 246 -4.21 11.24 12.38
CA LEU A 246 -2.93 11.80 11.93
C LEU A 246 -2.44 11.08 10.69
N ILE A 247 -1.44 11.66 10.04
CA ILE A 247 -0.83 11.11 8.84
C ILE A 247 0.66 10.90 9.07
N LEU A 248 1.17 9.77 8.60
CA LEU A 248 2.62 9.55 8.45
C LEU A 248 2.92 9.56 6.96
N SER A 249 3.90 10.34 6.55
CA SER A 249 4.28 10.34 5.13
C SER A 249 5.77 10.57 4.99
N LYS A 250 6.33 10.11 3.89
CA LYS A 250 7.75 10.33 3.61
C LYS A 250 8.01 10.72 2.18
N SER A 251 9.14 11.39 2.00
CA SER A 251 9.72 11.67 0.70
C SER A 251 11.12 11.05 0.73
N CYS A 252 12.05 11.64 -0.02
CA CYS A 252 13.42 11.12 -0.12
C CYS A 252 14.38 11.99 0.69
N GLU A 253 13.87 12.55 1.78
CA GLU A 253 14.62 13.54 2.58
C GLU A 253 15.04 12.98 3.95
N ASN A 254 15.11 11.64 4.03
CA ASN A 254 15.55 10.92 5.23
C ASN A 254 14.65 11.20 6.44
N ALA A 255 13.34 11.30 6.18
CA ALA A 255 12.37 11.61 7.22
C ALA A 255 10.99 11.07 6.92
N ILE A 256 10.37 10.50 7.96
CA ILE A 256 8.91 10.27 7.97
C ILE A 256 8.34 11.38 8.85
N VAL A 257 7.40 12.14 8.31
CA VAL A 257 6.77 13.25 9.05
C VAL A 257 5.42 12.80 9.57
N CYS A 258 5.13 13.10 10.84
CA CYS A 258 3.80 12.90 11.41
C CYS A 258 3.11 14.25 11.47
N TRP A 259 1.98 14.37 10.78
CA TRP A 259 1.31 15.66 10.62
C TRP A 259 -0.21 15.50 10.55
N LYS A 260 -0.92 16.63 10.64
CA LYS A 260 -2.37 16.64 10.45
C LYS A 260 -2.78 17.89 9.67
N PRO A 261 -3.88 17.78 8.89
CA PRO A 261 -4.45 18.97 8.28
C PRO A 261 -4.95 19.95 9.35
N GLY A 262 -4.85 21.24 9.05
CA GLY A 262 -5.34 22.27 9.94
C GLY A 262 -4.43 22.56 11.12
N LYS A 263 -4.98 23.29 12.08
CA LYS A 263 -4.28 23.65 13.32
C LYS A 263 -4.41 22.52 14.36
N MET A 264 -3.67 22.63 15.45
CA MET A 264 -3.56 21.57 16.45
C MET A 264 -4.91 20.98 16.89
N GLU A 265 -5.87 21.82 17.19
CA GLU A 265 -7.15 21.38 17.72
C GLU A 265 -8.25 21.17 16.66
N ASP A 266 -7.90 21.28 15.38
CA ASP A 266 -8.86 21.07 14.29
C ASP A 266 -9.20 19.60 14.08
N ASP A 267 -10.51 19.31 14.14
CA ASP A 267 -11.07 17.99 13.85
C ASP A 267 -10.92 17.70 12.35
N ILE A 268 -10.38 16.51 12.04
CA ILE A 268 -10.20 16.04 10.66
C ILE A 268 -11.50 16.11 9.83
N ASP A 269 -12.64 15.88 10.48
CA ASP A 269 -13.91 15.86 9.76
C ASP A 269 -14.59 17.23 9.64
N LYS A 270 -13.94 18.26 10.18
CA LYS A 270 -14.39 19.65 10.04
C LYS A 270 -13.49 20.44 9.07
N ILE A 271 -12.38 19.82 8.66
CA ILE A 271 -11.43 20.38 7.68
C ILE A 271 -12.16 20.69 6.37
N LYS A 272 -12.06 21.95 5.94
CA LYS A 272 -12.64 22.44 4.69
C LYS A 272 -11.63 22.30 3.54
N PRO A 273 -12.10 22.15 2.28
CA PRO A 273 -11.17 22.01 1.15
C PRO A 273 -10.17 23.16 0.97
N SER A 274 -10.53 24.36 1.46
CA SER A 274 -9.69 25.55 1.39
C SER A 274 -8.64 25.67 2.50
N GLU A 275 -8.64 24.70 3.43
CA GLU A 275 -7.72 24.72 4.59
C GLU A 275 -6.27 24.89 4.15
N SER A 276 -5.62 25.95 4.64
CA SER A 276 -4.26 26.31 4.21
C SER A 276 -3.17 25.86 5.18
N ASN A 277 -3.57 25.42 6.38
CA ASN A 277 -2.61 25.07 7.44
C ASN A 277 -2.43 23.56 7.64
N VAL A 278 -1.25 23.22 8.14
CA VAL A 278 -0.93 21.88 8.63
C VAL A 278 -0.22 22.03 9.98
N THR A 279 -0.25 20.96 10.76
CA THR A 279 0.44 20.90 12.05
C THR A 279 1.38 19.70 12.03
N ILE A 280 2.65 19.93 12.37
CA ILE A 280 3.66 18.88 12.43
C ILE A 280 3.77 18.38 13.86
N LEU A 281 3.46 17.09 14.08
CA LEU A 281 3.49 16.50 15.40
C LEU A 281 4.79 15.80 15.73
N GLY A 282 5.62 15.60 14.73
CA GLY A 282 6.91 14.98 14.94
C GLY A 282 7.53 14.58 13.63
N ARG A 283 8.78 14.14 13.70
CA ARG A 283 9.48 13.66 12.52
C ARG A 283 10.49 12.64 12.93
N PHE A 284 10.47 11.50 12.23
CA PHE A 284 11.37 10.39 12.49
C PHE A 284 12.45 10.40 11.42
N ASP A 285 13.66 10.81 11.82
CA ASP A 285 14.78 10.87 10.89
C ASP A 285 15.55 9.56 10.87
N TYR A 286 16.26 9.35 9.78
CA TYR A 286 17.07 8.14 9.56
C TYR A 286 18.15 8.50 8.54
N SER A 287 18.95 7.53 8.12
CA SER A 287 20.08 7.81 7.24
C SER A 287 20.00 6.99 5.97
N GLN A 288 20.60 7.51 4.91
CA GLN A 288 20.85 6.77 3.66
C GLN A 288 19.58 6.15 3.09
N CYS A 289 18.53 6.96 3.00
CA CYS A 289 17.29 6.55 2.36
C CYS A 289 16.78 7.76 1.56
N ASP A 290 17.67 8.27 0.71
CA ASP A 290 17.39 9.50 -0.03
C ASP A 290 17.22 9.28 -1.54
N ILE A 291 17.07 8.02 -1.91
CA ILE A 291 16.63 7.65 -3.26
C ILE A 291 15.10 7.61 -3.30
N TRP A 292 14.53 7.85 -4.48
CA TRP A 292 13.10 7.76 -4.65
C TRP A 292 12.60 6.32 -4.54
N TYR A 293 11.38 6.17 -4.02
CA TYR A 293 10.56 4.93 -4.12
C TYR A 293 10.93 3.89 -3.07
N MET A 294 10.73 4.27 -1.81
CA MET A 294 11.02 3.41 -0.66
C MET A 294 9.83 3.50 0.28
N ARG A 295 9.26 2.36 0.66
CA ARG A 295 8.04 2.34 1.45
C ARG A 295 8.28 1.96 2.89
N PHE A 296 7.51 2.58 3.79
CA PHE A 296 7.45 2.13 5.18
C PHE A 296 6.18 1.32 5.39
N SER A 297 6.15 0.51 6.44
CA SER A 297 4.98 -0.32 6.75
CA SER A 297 5.00 -0.33 6.76
C SER A 297 4.71 -0.33 8.25
N MET A 298 3.47 -0.68 8.60
CA MET A 298 3.08 -0.85 9.99
C MET A 298 2.55 -2.23 10.24
N ASP A 299 2.57 -2.65 11.51
CA ASP A 299 1.92 -3.90 11.88
C ASP A 299 0.39 -3.71 11.89
N PHE A 300 -0.32 -4.82 12.07
CA PHE A 300 -1.79 -4.81 12.07
C PHE A 300 -2.38 -3.84 13.09
N TRP A 301 -1.80 -3.81 14.29
CA TRP A 301 -2.33 -2.99 15.38
C TRP A 301 -1.88 -1.53 15.32
N GLN A 302 -0.92 -1.23 14.43
CA GLN A 302 -0.30 0.09 14.33
C GLN A 302 0.47 0.48 15.60
N LYS A 303 1.08 -0.53 16.22
CA LYS A 303 2.00 -0.35 17.34
C LYS A 303 3.41 -0.05 16.85
N MET A 304 3.74 -0.47 15.64
CA MET A 304 5.11 -0.42 15.14
C MET A 304 5.16 0.05 13.68
N LEU A 305 6.28 0.65 13.33
CA LEU A 305 6.54 1.20 12.01
C LEU A 305 7.91 0.72 11.57
N ALA A 306 8.05 0.24 10.34
CA ALA A 306 9.34 -0.18 9.82
C ALA A 306 9.66 0.44 8.47
N LEU A 307 10.93 0.75 8.26
CA LEU A 307 11.43 1.27 6.98
C LEU A 307 12.83 0.74 6.74
N GLY A 308 13.09 0.27 5.52
CA GLY A 308 14.46 -0.07 5.12
C GLY A 308 15.12 1.08 4.38
N ASN A 309 16.45 1.10 4.42
CA ASN A 309 17.19 2.12 3.67
C ASN A 309 17.93 1.56 2.46
N GLN A 310 18.67 2.42 1.76
CA GLN A 310 19.25 2.04 0.47
C GLN A 310 20.51 1.16 0.58
N VAL A 311 20.96 0.92 1.81
CA VAL A 311 22.14 0.08 2.07
C VAL A 311 21.83 -1.11 3.00
N GLY A 312 20.55 -1.47 3.07
CA GLY A 312 20.13 -2.69 3.75
C GLY A 312 19.90 -2.62 5.24
N LYS A 313 19.83 -1.41 5.80
CA LYS A 313 19.53 -1.23 7.21
C LYS A 313 18.03 -1.07 7.45
N LEU A 314 17.53 -1.68 8.52
CA LEU A 314 16.13 -1.53 8.96
C LEU A 314 16.01 -0.62 10.17
N TYR A 315 15.02 0.27 10.10
CA TYR A 315 14.61 1.10 11.24
C TYR A 315 13.22 0.66 11.67
N VAL A 316 13.04 0.47 12.97
CA VAL A 316 11.74 0.08 13.53
C VAL A 316 11.40 1.06 14.65
N TRP A 317 10.24 1.69 14.56
CA TRP A 317 9.77 2.59 15.61
C TRP A 317 8.62 2.01 16.38
N ASP A 318 8.74 2.08 17.69
CA ASP A 318 7.69 1.70 18.62
C ASP A 318 6.82 2.95 18.85
N LEU A 319 5.56 2.86 18.39
CA LEU A 319 4.60 3.97 18.45
C LEU A 319 3.68 3.88 19.66
N GLU A 320 3.95 2.92 20.54
CA GLU A 320 3.16 2.74 21.76
C GLU A 320 3.66 3.68 22.86
N VAL A 321 3.46 4.96 22.60
CA VAL A 321 3.92 6.07 23.46
C VAL A 321 2.86 7.16 23.40
N GLU A 322 2.89 8.11 24.33
CA GLU A 322 1.77 9.07 24.53
C GLU A 322 1.56 10.05 23.37
N ASP A 323 2.65 10.39 22.67
CA ASP A 323 2.60 11.35 21.57
C ASP A 323 3.53 10.87 20.45
N PRO A 324 3.24 11.26 19.19
CA PRO A 324 4.03 10.70 18.08
C PRO A 324 5.54 10.94 18.19
N HIS A 325 5.93 12.13 18.66
CA HIS A 325 7.36 12.49 18.69
C HIS A 325 8.18 11.70 19.73
N LYS A 326 7.49 10.94 20.59
CA LYS A 326 8.14 10.13 21.61
C LYS A 326 8.44 8.71 21.13
N ALA A 327 8.19 8.43 19.84
CA ALA A 327 8.45 7.09 19.30
C ALA A 327 9.89 6.64 19.57
N LYS A 328 10.05 5.34 19.85
CA LYS A 328 11.32 4.74 20.23
C LYS A 328 11.86 3.92 19.07
N CYS A 329 13.06 4.25 18.61
CA CYS A 329 13.63 3.62 17.43
C CYS A 329 14.61 2.51 17.79
N THR A 330 14.55 1.43 17.03
CA THR A 330 15.57 0.37 17.08
C THR A 330 16.02 0.11 15.65
N THR A 331 17.27 -0.33 15.50
CA THR A 331 17.82 -0.59 14.18
C THR A 331 18.29 -2.02 14.07
N LEU A 332 18.13 -2.56 12.86
CA LEU A 332 18.48 -3.95 12.56
C LEU A 332 19.39 -4.01 11.35
N THR A 333 20.57 -4.61 11.53
CA THR A 333 21.52 -4.78 10.43
C THR A 333 22.05 -6.20 10.40
N HIS A 334 22.43 -6.65 9.21
CA HIS A 334 23.16 -7.91 9.01
C HIS A 334 24.27 -7.64 8.00
N HIS A 335 25.46 -8.20 8.26
CA HIS A 335 26.64 -7.92 7.41
C HIS A 335 26.50 -8.35 5.94
N LYS A 336 25.58 -9.28 5.68
CA LYS A 336 25.32 -9.77 4.32
C LYS A 336 24.19 -9.02 3.60
N CYS A 337 23.47 -8.17 4.34
CA CYS A 337 22.32 -7.45 3.81
C CYS A 337 22.73 -6.01 3.50
N GLY A 338 23.06 -5.77 2.23
CA GLY A 338 23.58 -4.47 1.78
C GLY A 338 22.84 -3.78 0.66
N ALA A 339 21.77 -4.40 0.15
CA ALA A 339 21.01 -3.85 -0.97
C ALA A 339 19.83 -3.02 -0.47
N ALA A 340 19.34 -2.13 -1.32
CA ALA A 340 18.22 -1.25 -0.95
C ALA A 340 16.96 -2.05 -0.62
N ILE A 341 16.34 -1.73 0.50
CA ILE A 341 15.12 -2.39 0.96
C ILE A 341 13.91 -1.54 0.53
N ARG A 342 13.15 -2.03 -0.46
CA ARG A 342 12.03 -1.28 -1.03
C ARG A 342 10.77 -1.31 -0.18
N GLN A 343 10.53 -2.44 0.49
CA GLN A 343 9.36 -2.58 1.35
C GLN A 343 9.62 -3.66 2.38
N THR A 344 8.91 -3.52 3.49
CA THR A 344 8.88 -4.48 4.56
C THR A 344 7.44 -4.92 4.84
N SER A 345 7.27 -6.04 5.55
CA SER A 345 5.95 -6.47 6.00
C SER A 345 6.06 -7.21 7.31
N PHE A 346 5.24 -6.80 8.28
CA PHE A 346 5.08 -7.56 9.52
C PHE A 346 4.01 -8.62 9.35
N SER A 347 4.20 -9.78 9.97
CA SER A 347 3.12 -10.74 10.14
C SER A 347 2.04 -10.08 11.02
N ARG A 348 0.83 -10.63 10.99
CA ARG A 348 -0.30 -10.04 11.72
C ARG A 348 -0.03 -9.94 13.22
N ASP A 349 0.64 -10.96 13.77
CA ASP A 349 0.99 -11.02 15.19
C ASP A 349 2.29 -10.28 15.52
N SER A 350 2.92 -9.69 14.51
CA SER A 350 4.16 -8.94 14.64
C SER A 350 5.40 -9.76 15.02
N SER A 351 5.29 -11.08 14.94
CA SER A 351 6.38 -11.98 15.32
C SER A 351 7.46 -12.08 14.25
N ILE A 352 7.10 -11.76 13.00
CA ILE A 352 8.03 -11.83 11.88
C ILE A 352 8.00 -10.52 11.10
N LEU A 353 9.18 -10.05 10.72
CA LEU A 353 9.34 -8.92 9.80
C LEU A 353 10.13 -9.40 8.57
N ILE A 354 9.54 -9.22 7.39
CA ILE A 354 10.23 -9.52 6.13
C ILE A 354 10.65 -8.24 5.43
N ALA A 355 11.88 -8.21 4.94
CA ALA A 355 12.39 -7.12 4.09
C ALA A 355 12.76 -7.65 2.71
N VAL A 356 12.40 -6.91 1.67
CA VAL A 356 12.76 -7.30 0.29
C VAL A 356 13.57 -6.21 -0.39
N CYS A 357 14.45 -6.61 -1.31
CA CYS A 357 15.55 -5.78 -1.79
C CYS A 357 15.69 -5.64 -3.29
N ASP A 358 16.48 -4.64 -3.69
CA ASP A 358 16.78 -4.37 -5.10
C ASP A 358 17.53 -5.47 -5.83
N ASP A 359 18.23 -6.32 -5.09
CA ASP A 359 18.96 -7.45 -5.68
C ASP A 359 18.15 -8.75 -5.64
N ALA A 360 16.83 -8.64 -5.43
CA ALA A 360 15.90 -9.77 -5.36
C ALA A 360 16.04 -10.63 -4.09
N SER A 361 16.75 -10.11 -3.09
CA SER A 361 16.89 -10.81 -1.81
C SER A 361 15.72 -10.53 -0.85
N ILE A 362 15.51 -11.50 0.05
CA ILE A 362 14.42 -11.53 1.03
C ILE A 362 15.05 -11.87 2.36
N TRP A 363 14.73 -11.08 3.40
CA TRP A 363 15.35 -11.19 4.71
C TRP A 363 14.27 -11.38 5.75
N ARG A 364 14.43 -12.41 6.58
CA ARG A 364 13.47 -12.73 7.63
C ARG A 364 14.03 -12.44 9.02
N TRP A 365 13.29 -11.62 9.76
CA TRP A 365 13.63 -11.26 11.13
C TRP A 365 12.52 -11.74 12.06
N ASP A 366 12.89 -12.51 13.09
CA ASP A 366 11.92 -13.06 14.04
C ASP A 366 12.11 -12.43 15.41
N ARG A 367 11.01 -12.20 16.11
CA ARG A 367 11.10 -11.86 17.54
C ARG A 367 10.23 -12.81 18.35
#